data_6OXN
#
_entry.id   6OXN
#
_cell.length_a   158.960
_cell.length_b   158.960
_cell.length_c   94.540
_cell.angle_alpha   90.00
_cell.angle_beta   90.00
_cell.angle_gamma   120.00
#
_symmetry.space_group_name_H-M   'P 65 2 2'
#
loop_
_entity.id
_entity.type
_entity.pdbx_description
1 polymer 'Glyoxylate/hydroxypyruvate reductase A'
2 non-polymer GLYCEROL
3 non-polymer 'NADP NICOTINAMIDE-ADENINE-DINUCLEOTIDE PHOSPHATE'
4 non-polymer 'GLYOXYLIC ACID'
5 non-polymer 'SODIUM ION'
6 water water
#
_entity_poly.entity_id   1
_entity_poly.type   'polypeptide(L)'
_entity_poly.pdbx_seq_one_letter_code
;HHHHHHMDIIFYHPTFDTQWWIEALRKAIPQARVRAWKSGDNDSADYALVFSPPVEMLAGRDLKAVFALGAGVDSILSKL
QAHPEMLNPSVPLFRLEDTGMGEQMQEYAVSQVLHWFRRFDDYRIQQNSSHWQPLPEYHREDFTIGILGAGVLGSKVAQS
LQTWRFPLRCWSRTRKSWPGVQSFAGREELSAFLSQCRVLINLLPNTPETVGIINQQLLEKLPDGAYLLNLARGVHVVED
DLLAALDSGKVKGAMLDVFNREPLPPESPLWQHPRVTITPHVAAITRPAEAVEYISRTIAQLEKGEKVCGQVDRARGY
;
_entity_poly.pdbx_strand_id   A
#
loop_
_chem_comp.id
_chem_comp.type
_chem_comp.name
_chem_comp.formula
GLV non-polymer 'GLYOXYLIC ACID' 'C2 H2 O3'
GOL non-polymer GLYCEROL 'C3 H8 O3'
NA non-polymer 'SODIUM ION' 'Na 1'
NAP non-polymer 'NADP NICOTINAMIDE-ADENINE-DINUCLEOTIDE PHOSPHATE' 'C21 H28 N7 O17 P3'
#
# COMPACT_ATOMS: atom_id res chain seq x y z
N MET A 7 24.54 15.92 14.42
CA MET A 7 24.00 14.55 14.30
C MET A 7 24.59 13.73 13.14
N ASP A 8 24.58 12.41 13.29
CA ASP A 8 25.09 11.48 12.29
C ASP A 8 23.94 10.62 11.76
N ILE A 9 23.82 10.56 10.43
CA ILE A 9 22.80 9.78 9.75
C ILE A 9 23.48 8.76 8.86
N ILE A 10 23.09 7.48 9.01
CA ILE A 10 23.52 6.42 8.10
C ILE A 10 22.35 6.06 7.19
N PHE A 11 22.64 5.89 5.90
CA PHE A 11 21.63 5.65 4.89
C PHE A 11 21.89 4.32 4.19
N TYR A 12 20.83 3.57 3.91
CA TYR A 12 20.96 2.29 3.22
C TYR A 12 19.71 1.97 2.41
N HIS A 13 19.88 1.79 1.10
CA HIS A 13 18.82 1.34 0.22
C HIS A 13 19.44 0.48 -0.89
N PRO A 14 18.83 -0.64 -1.25
CA PRO A 14 19.48 -1.58 -2.17
C PRO A 14 19.50 -1.11 -3.61
N THR A 15 18.57 -0.25 -4.02
CA THR A 15 18.43 0.09 -5.43
C THR A 15 18.31 1.58 -5.74
N PHE A 16 18.01 2.43 -4.75
CA PHE A 16 17.88 3.85 -5.03
C PHE A 16 19.24 4.48 -5.34
N ASP A 17 19.17 5.73 -5.79
CA ASP A 17 20.33 6.58 -6.08
C ASP A 17 20.86 7.10 -4.73
N THR A 18 21.76 6.32 -4.13
CA THR A 18 22.30 6.66 -2.81
C THR A 18 22.97 8.03 -2.82
N GLN A 19 23.72 8.36 -3.88
CA GLN A 19 24.43 9.63 -3.89
C GLN A 19 23.44 10.79 -3.92
N TRP A 20 22.36 10.66 -4.68
CA TRP A 20 21.37 11.73 -4.71
C TRP A 20 20.75 11.94 -3.32
N TRP A 21 20.29 10.84 -2.70
CA TRP A 21 19.66 10.92 -1.38
C TRP A 21 20.59 11.55 -0.34
N ILE A 22 21.84 11.10 -0.31
CA ILE A 22 22.77 11.61 0.70
C ILE A 22 22.98 13.11 0.52
N GLU A 23 23.17 13.58 -0.71
CA GLU A 23 23.35 15.01 -0.92
C GLU A 23 22.08 15.78 -0.60
N ALA A 24 20.91 15.23 -0.94
CA ALA A 24 19.67 15.92 -0.61
C ALA A 24 19.45 15.99 0.90
N LEU A 25 19.87 14.94 1.63
CA LEU A 25 19.71 14.96 3.09
C LEU A 25 20.64 15.98 3.73
N ARG A 26 21.89 16.05 3.24
CA ARG A 26 22.81 17.10 3.69
C ARG A 26 22.22 18.49 3.47
N LYS A 27 21.71 18.77 2.27
CA LYS A 27 21.12 20.08 2.01
C LYS A 27 19.94 20.36 2.94
N ALA A 28 19.12 19.34 3.21
CA ALA A 28 17.90 19.55 4.01
C ALA A 28 18.18 19.57 5.51
N ILE A 29 19.30 18.99 5.94
CA ILE A 29 19.67 18.93 7.34
C ILE A 29 21.13 19.32 7.46
N PRO A 30 21.45 20.61 7.36
CA PRO A 30 22.87 21.01 7.18
C PRO A 30 23.75 20.67 8.36
N GLN A 31 23.17 20.43 9.53
CA GLN A 31 23.97 20.07 10.70
C GLN A 31 24.26 18.58 10.78
N ALA A 32 23.77 17.79 9.83
CA ALA A 32 23.91 16.33 9.86
C ALA A 32 25.10 15.89 9.02
N ARG A 33 25.92 14.99 9.57
CA ARG A 33 26.88 14.23 8.79
C ARG A 33 26.14 13.01 8.24
N VAL A 34 26.04 12.89 6.92
CA VAL A 34 25.26 11.83 6.29
C VAL A 34 26.19 10.91 5.51
N ARG A 35 26.13 9.62 5.78
CA ARG A 35 27.02 8.68 5.13
C ARG A 35 26.26 7.42 4.73
N ALA A 36 26.74 6.76 3.67
CA ALA A 36 26.17 5.50 3.21
C ALA A 36 26.71 4.35 4.08
N TRP A 37 25.82 3.49 4.55
CA TRP A 37 26.26 2.42 5.42
C TRP A 37 26.77 1.25 4.57
N LYS A 38 27.96 0.78 4.93
CA LYS A 38 28.60 -0.38 4.35
C LYS A 38 28.95 -1.33 5.48
N SER A 39 28.98 -2.63 5.18
CA SER A 39 29.39 -3.62 6.16
C SER A 39 30.73 -3.23 6.80
N GLY A 40 30.83 -3.40 8.12
CA GLY A 40 32.00 -3.01 8.87
C GLY A 40 31.93 -1.65 9.54
N ASP A 41 30.95 -0.82 9.17
CA ASP A 41 30.83 0.52 9.75
C ASP A 41 30.11 0.42 11.10
N ASN A 42 30.87 0.52 12.19
CA ASN A 42 30.30 0.53 13.53
C ASN A 42 30.48 1.88 14.21
N ASP A 43 30.76 2.93 13.45
CA ASP A 43 30.76 4.28 13.98
C ASP A 43 29.34 4.70 14.38
N SER A 44 29.27 5.72 15.24
CA SER A 44 27.99 6.08 15.83
C SER A 44 27.03 6.64 14.79
N ALA A 45 25.74 6.57 15.12
CA ALA A 45 24.69 7.09 14.26
C ALA A 45 23.51 7.49 15.13
N ASP A 46 22.95 8.66 14.87
CA ASP A 46 21.74 9.02 15.58
C ASP A 46 20.49 8.51 14.88
N TYR A 47 20.48 8.53 13.55
CA TYR A 47 19.32 8.12 12.77
C TYR A 47 19.76 7.17 11.67
N ALA A 48 18.93 6.19 11.39
CA ALA A 48 19.16 5.26 10.30
C ALA A 48 17.98 5.35 9.34
N LEU A 49 18.28 5.60 8.07
CA LEU A 49 17.31 5.56 6.98
C LEU A 49 17.57 4.27 6.19
N VAL A 50 16.61 3.35 6.23
CA VAL A 50 16.87 1.99 5.77
C VAL A 50 15.74 1.52 4.85
N PHE A 51 16.10 0.64 3.92
CA PHE A 51 15.15 -0.23 3.26
C PHE A 51 15.81 -1.59 3.13
N SER A 52 15.12 -2.65 3.53
CA SER A 52 15.64 -4.02 3.52
C SER A 52 17.05 -4.05 4.12
N PRO A 53 17.22 -3.55 5.34
CA PRO A 53 18.57 -3.43 5.90
C PRO A 53 19.10 -4.79 6.33
N PRO A 54 20.43 -4.95 6.34
CA PRO A 54 21.03 -6.11 7.01
C PRO A 54 20.98 -5.96 8.52
N VAL A 55 20.87 -7.11 9.20
CA VAL A 55 20.83 -7.11 10.66
C VAL A 55 22.02 -6.32 11.22
N GLU A 56 23.19 -6.50 10.63
CA GLU A 56 24.40 -5.90 11.17
C GLU A 56 24.34 -4.37 11.21
N MET A 57 23.50 -3.75 10.37
CA MET A 57 23.44 -2.30 10.31
C MET A 57 22.76 -1.71 11.54
N LEU A 58 21.73 -2.38 12.05
CA LEU A 58 20.94 -1.90 13.19
C LEU A 58 21.30 -2.55 14.51
N ALA A 59 21.76 -3.80 14.49
CA ALA A 59 21.83 -4.60 15.70
C ALA A 59 22.68 -3.92 16.77
N GLY A 60 22.12 -3.83 17.98
CA GLY A 60 22.86 -3.27 19.10
C GLY A 60 23.12 -1.78 19.02
N ARG A 61 22.38 -1.05 18.19
CA ARG A 61 22.55 0.39 18.07
C ARG A 61 21.46 1.10 18.85
N ASP A 62 21.85 2.01 19.74
CA ASP A 62 20.86 2.81 20.48
C ASP A 62 20.49 4.08 19.69
N LEU A 63 19.92 3.86 18.51
CA LEU A 63 19.53 4.94 17.62
C LEU A 63 18.41 5.77 18.23
N LYS A 64 18.36 7.04 17.83
CA LYS A 64 17.24 7.87 18.25
C LYS A 64 16.01 7.59 17.41
N ALA A 65 16.17 7.15 16.17
CA ALA A 65 15.03 6.71 15.37
C ALA A 65 15.52 6.00 14.11
N VAL A 66 14.65 5.17 13.56
CA VAL A 66 14.85 4.49 12.29
C VAL A 66 13.69 4.87 11.37
N PHE A 67 14.01 5.23 10.13
CA PHE A 67 13.02 5.54 9.11
C PHE A 67 13.05 4.45 8.06
N ALA A 68 11.95 3.72 7.90
CA ALA A 68 11.79 2.78 6.81
C ALA A 68 11.38 3.54 5.55
N LEU A 69 12.19 3.43 4.49
CA LEU A 69 11.99 4.21 3.26
C LEU A 69 10.90 3.58 2.39
N GLY A 70 9.72 3.44 2.98
CA GLY A 70 8.54 2.95 2.30
C GLY A 70 7.32 3.08 3.17
N ALA A 71 6.16 2.87 2.55
CA ALA A 71 4.90 2.88 3.27
C ALA A 71 4.68 1.57 4.03
N GLY A 72 5.02 0.45 3.42
CA GLY A 72 4.86 -0.85 4.06
C GLY A 72 6.10 -1.20 4.85
N VAL A 73 5.89 -1.87 5.99
CA VAL A 73 6.98 -2.24 6.89
C VAL A 73 6.92 -3.72 7.18
N ASP A 74 6.18 -4.47 6.37
CA ASP A 74 6.00 -5.90 6.65
C ASP A 74 7.33 -6.66 6.58
N SER A 75 8.27 -6.23 5.72
CA SER A 75 9.51 -6.98 5.63
C SER A 75 10.47 -6.67 6.79
N ILE A 76 10.62 -5.37 7.15
CA ILE A 76 11.43 -5.03 8.33
C ILE A 76 10.91 -5.76 9.56
N LEU A 77 9.59 -5.72 9.77
CA LEU A 77 9.02 -6.35 10.96
C LEU A 77 9.30 -7.85 10.99
N SER A 78 8.99 -8.55 9.89
CA SER A 78 9.26 -9.98 9.90
C SER A 78 10.74 -10.27 10.06
N LYS A 79 11.60 -9.42 9.48
CA LYS A 79 13.03 -9.55 9.73
C LYS A 79 13.34 -9.39 11.23
N LEU A 80 12.80 -8.33 11.85
CA LEU A 80 13.03 -8.13 13.28
C LEU A 80 12.41 -9.26 14.10
N GLN A 81 11.37 -9.90 13.57
CA GLN A 81 10.81 -11.09 14.17
C GLN A 81 11.84 -12.23 14.20
N ALA A 82 12.50 -12.48 13.07
CA ALA A 82 13.48 -13.56 12.99
C ALA A 82 14.77 -13.23 13.72
N HIS A 83 15.10 -11.95 13.89
CA HIS A 83 16.34 -11.52 14.53
C HIS A 83 16.02 -10.46 15.57
N PRO A 84 15.47 -10.87 16.72
CA PRO A 84 14.98 -9.86 17.69
C PRO A 84 16.06 -8.89 18.15
N GLU A 85 17.34 -9.26 18.06
CA GLU A 85 18.43 -8.36 18.42
C GLU A 85 18.68 -7.29 17.37
N MET A 86 17.96 -7.30 16.25
CA MET A 86 18.23 -6.33 15.20
C MET A 86 17.89 -4.91 15.64
N LEU A 87 16.79 -4.74 16.37
CA LEU A 87 16.31 -3.40 16.71
C LEU A 87 15.95 -3.36 18.19
N ASN A 88 16.76 -2.66 18.98
CA ASN A 88 16.49 -2.60 20.41
C ASN A 88 15.11 -2.01 20.65
N PRO A 89 14.37 -2.51 21.65
CA PRO A 89 12.98 -2.04 21.83
C PRO A 89 12.87 -0.55 22.13
N SER A 90 13.94 0.10 22.57
CA SER A 90 13.89 1.55 22.77
C SER A 90 13.91 2.34 21.48
N VAL A 91 14.23 1.73 20.34
CA VAL A 91 14.38 2.48 19.10
C VAL A 91 13.02 2.66 18.45
N PRO A 92 12.55 3.90 18.28
CA PRO A 92 11.31 4.13 17.53
C PRO A 92 11.51 3.91 16.04
N LEU A 93 10.52 3.27 15.41
CA LEU A 93 10.53 2.98 13.98
C LEU A 93 9.50 3.85 13.27
N PHE A 94 9.93 4.57 12.24
CA PHE A 94 9.07 5.39 11.42
C PHE A 94 9.02 4.85 10.00
N ARG A 95 7.94 5.17 9.32
CA ARG A 95 7.73 4.79 7.94
C ARG A 95 7.36 6.04 7.15
N LEU A 96 7.33 5.91 5.83
CA LEU A 96 6.98 7.03 4.96
C LEU A 96 5.46 7.15 4.89
N GLU A 97 4.91 8.20 5.47
CA GLU A 97 3.48 8.45 5.39
C GLU A 97 3.24 9.40 4.23
N ASP A 98 2.62 8.87 3.17
CA ASP A 98 2.33 9.58 1.94
C ASP A 98 3.63 9.88 1.16
N THR A 99 4.17 11.09 1.30
CA THR A 99 5.36 11.52 0.54
C THR A 99 5.16 11.26 -0.95
N GLY A 100 3.95 11.54 -1.44
CA GLY A 100 3.62 11.41 -2.85
C GLY A 100 2.92 10.12 -3.21
N MET A 101 2.89 9.14 -2.32
CA MET A 101 2.20 7.90 -2.62
C MET A 101 0.69 8.03 -2.51
N GLY A 102 0.19 8.98 -1.69
CA GLY A 102 -1.23 9.25 -1.70
C GLY A 102 -1.74 9.60 -3.09
N GLU A 103 -1.11 10.60 -3.72
CA GLU A 103 -1.54 11.04 -5.03
C GLU A 103 -1.39 9.94 -6.07
N GLN A 104 -0.28 9.19 -6.02
CA GLN A 104 -0.12 8.09 -6.96
C GLN A 104 -1.19 7.04 -6.78
N MET A 105 -1.60 6.77 -5.54
CA MET A 105 -2.68 5.81 -5.37
C MET A 105 -3.99 6.38 -5.88
N GLN A 106 -4.20 7.70 -5.71
CA GLN A 106 -5.40 8.31 -6.28
C GLN A 106 -5.40 8.23 -7.80
N GLU A 107 -4.25 8.48 -8.45
CA GLU A 107 -4.16 8.38 -9.90
C GLU A 107 -4.60 7.00 -10.37
N TYR A 108 -4.02 5.98 -9.77
CA TYR A 108 -4.32 4.59 -10.12
C TYR A 108 -5.79 4.27 -9.85
N ALA A 109 -6.27 4.55 -8.65
CA ALA A 109 -7.62 4.17 -8.30
C ALA A 109 -8.65 4.89 -9.16
N VAL A 110 -8.52 6.22 -9.30
CA VAL A 110 -9.53 6.97 -10.05
C VAL A 110 -9.53 6.52 -11.51
N SER A 111 -8.35 6.37 -12.10
CA SER A 111 -8.29 5.96 -13.50
C SER A 111 -9.03 4.65 -13.73
N GLN A 112 -8.71 3.62 -12.94
CA GLN A 112 -9.27 2.30 -13.18
C GLN A 112 -10.75 2.25 -12.81
N VAL A 113 -11.13 2.88 -11.70
CA VAL A 113 -12.54 2.91 -11.33
C VAL A 113 -13.37 3.54 -12.44
N LEU A 114 -12.95 4.70 -12.95
CA LEU A 114 -13.67 5.30 -14.08
C LEU A 114 -13.62 4.39 -15.29
N HIS A 115 -12.46 3.75 -15.50
CA HIS A 115 -12.30 2.80 -16.59
C HIS A 115 -13.36 1.72 -16.54
N TRP A 116 -13.54 1.09 -15.37
CA TRP A 116 -14.57 0.07 -15.22
C TRP A 116 -15.97 0.66 -15.32
N PHE A 117 -16.19 1.82 -14.70
CA PHE A 117 -17.51 2.43 -14.66
C PHE A 117 -17.98 2.83 -16.05
N ARG A 118 -17.06 3.25 -16.90
CA ARG A 118 -17.41 3.62 -18.26
C ARG A 118 -17.29 2.44 -19.22
N ARG A 119 -17.01 1.24 -18.70
CA ARG A 119 -17.08 -0.01 -19.45
C ARG A 119 -16.02 -0.07 -20.56
N PHE A 120 -14.90 0.63 -20.35
CA PHE A 120 -13.80 0.59 -21.31
C PHE A 120 -13.24 -0.82 -21.45
N ASP A 121 -13.36 -1.64 -20.41
CA ASP A 121 -12.93 -3.03 -20.51
C ASP A 121 -13.80 -3.79 -21.51
N ASP A 122 -15.13 -3.62 -21.44
CA ASP A 122 -16.02 -4.26 -22.39
C ASP A 122 -15.78 -3.75 -23.82
N TYR A 123 -15.59 -2.44 -23.97
CA TYR A 123 -15.37 -1.89 -25.31
C TYR A 123 -14.08 -2.41 -25.91
N ARG A 124 -13.08 -2.63 -25.05
CA ARG A 124 -11.82 -3.20 -25.51
C ARG A 124 -12.01 -4.63 -26.01
N ILE A 125 -12.73 -5.46 -25.26
CA ILE A 125 -13.08 -6.78 -25.76
C ILE A 125 -13.74 -6.66 -27.13
N GLN A 126 -14.77 -5.80 -27.24
CA GLN A 126 -15.48 -5.67 -28.50
C GLN A 126 -14.55 -5.15 -29.61
N GLN A 127 -13.69 -4.17 -29.30
CA GLN A 127 -12.74 -3.70 -30.31
C GLN A 127 -11.89 -4.84 -30.86
N ASN A 128 -11.51 -5.80 -30.01
CA ASN A 128 -10.70 -6.95 -30.43
C ASN A 128 -11.35 -7.70 -31.60
N SER A 129 -12.69 -7.72 -31.68
CA SER A 129 -13.40 -8.32 -32.79
C SER A 129 -13.84 -7.31 -33.83
N SER A 130 -13.32 -6.09 -33.80
CA SER A 130 -13.77 -5.02 -34.71
C SER A 130 -15.29 -4.86 -34.62
N HIS A 131 -15.83 -5.03 -33.43
CA HIS A 131 -17.26 -5.04 -33.22
C HIS A 131 -17.71 -3.72 -32.61
N TRP A 132 -18.66 -3.05 -33.26
CA TRP A 132 -19.19 -1.76 -32.83
C TRP A 132 -20.51 -1.97 -32.09
N GLN A 133 -20.52 -1.65 -30.78
CA GLN A 133 -21.81 -1.72 -30.10
C GLN A 133 -21.84 -0.90 -28.82
N PRO A 134 -22.66 0.16 -28.79
CA PRO A 134 -22.88 0.88 -27.53
C PRO A 134 -23.47 -0.02 -26.46
N LEU A 135 -23.04 0.17 -25.21
CA LEU A 135 -23.45 -0.64 -24.09
C LEU A 135 -24.25 0.20 -23.08
N PRO A 136 -25.23 -0.41 -22.42
CA PRO A 136 -26.01 0.34 -21.40
C PRO A 136 -25.08 0.94 -20.35
N GLU A 137 -25.37 2.18 -19.97
CA GLU A 137 -24.53 2.85 -18.99
C GLU A 137 -24.80 2.31 -17.58
N TYR A 138 -23.76 2.31 -16.76
CA TYR A 138 -23.84 2.00 -15.34
C TYR A 138 -24.17 3.27 -14.55
N HIS A 139 -24.68 3.07 -13.33
CA HIS A 139 -25.13 4.18 -12.51
C HIS A 139 -24.40 4.17 -11.16
N ARG A 140 -24.11 5.38 -10.66
CA ARG A 140 -23.44 5.53 -9.38
C ARG A 140 -24.12 4.75 -8.25
N GLU A 141 -25.45 4.72 -8.20
CA GLU A 141 -26.08 3.99 -7.09
C GLU A 141 -25.69 2.52 -7.08
N ASP A 142 -25.40 1.94 -8.24
CA ASP A 142 -25.01 0.53 -8.30
C ASP A 142 -23.51 0.35 -8.30
N PHE A 143 -22.74 1.41 -8.03
CA PHE A 143 -21.29 1.37 -8.15
C PHE A 143 -20.63 1.82 -6.85
N THR A 144 -21.12 1.28 -5.74
CA THR A 144 -20.49 1.52 -4.45
C THR A 144 -19.06 1.00 -4.44
N ILE A 145 -18.15 1.82 -3.95
CA ILE A 145 -16.74 1.48 -3.83
C ILE A 145 -16.44 1.25 -2.35
N GLY A 146 -15.89 0.09 -2.04
CA GLY A 146 -15.41 -0.22 -0.71
C GLY A 146 -13.89 -0.22 -0.70
N ILE A 147 -13.31 0.39 0.34
CA ILE A 147 -11.87 0.45 0.51
C ILE A 147 -11.48 -0.38 1.74
N LEU A 148 -10.53 -1.32 1.55
CA LEU A 148 -10.25 -2.30 2.59
C LEU A 148 -9.43 -1.72 3.75
N GLY A 149 -8.32 -1.08 3.51
CA GLY A 149 -7.71 -0.27 4.57
C GLY A 149 -8.24 1.17 4.57
N ALA A 150 -8.28 1.79 5.73
CA ALA A 150 -8.79 3.15 5.84
C ALA A 150 -7.74 4.10 6.39
N GLY A 151 -6.51 3.91 5.94
CA GLY A 151 -5.35 4.57 6.48
C GLY A 151 -4.94 5.81 5.70
N VAL A 152 -3.64 6.10 5.74
CA VAL A 152 -3.11 7.23 5.00
C VAL A 152 -3.48 7.13 3.52
N LEU A 153 -3.23 5.97 2.92
CA LEU A 153 -3.53 5.80 1.50
C LEU A 153 -5.01 5.54 1.26
N GLY A 154 -5.65 4.75 2.12
CA GLY A 154 -7.07 4.52 1.98
C GLY A 154 -7.89 5.80 1.98
N SER A 155 -7.62 6.70 2.93
CA SER A 155 -8.39 7.93 2.98
C SER A 155 -8.13 8.79 1.75
N LYS A 156 -6.87 8.87 1.30
CA LYS A 156 -6.57 9.64 0.11
C LYS A 156 -7.38 9.13 -1.08
N VAL A 157 -7.44 7.81 -1.26
CA VAL A 157 -8.18 7.26 -2.38
C VAL A 157 -9.67 7.56 -2.22
N ALA A 158 -10.22 7.29 -1.03
CA ALA A 158 -11.62 7.59 -0.77
C ALA A 158 -11.94 9.04 -1.12
N GLN A 159 -11.13 9.98 -0.64
CA GLN A 159 -11.37 11.39 -0.94
C GLN A 159 -11.39 11.65 -2.44
N SER A 160 -10.42 11.09 -3.18
CA SER A 160 -10.43 11.35 -4.62
C SER A 160 -11.65 10.74 -5.30
N LEU A 161 -12.17 9.63 -4.75
CA LEU A 161 -13.35 9.03 -5.36
C LEU A 161 -14.64 9.75 -4.97
N GLN A 162 -14.67 10.39 -3.80
CA GLN A 162 -15.83 11.19 -3.41
C GLN A 162 -16.04 12.34 -4.40
N THR A 163 -14.95 12.91 -4.90
CA THR A 163 -15.02 13.94 -5.92
C THR A 163 -15.93 13.54 -7.06
N TRP A 164 -15.93 12.25 -7.42
CA TRP A 164 -16.69 11.72 -8.54
C TRP A 164 -18.09 11.24 -8.16
N ARG A 165 -18.49 11.41 -6.89
CA ARG A 165 -19.86 11.18 -6.41
C ARG A 165 -20.22 9.69 -6.34
N PHE A 166 -19.22 8.79 -6.24
CA PHE A 166 -19.52 7.39 -5.97
C PHE A 166 -19.92 7.19 -4.51
N PRO A 167 -20.84 6.28 -4.22
CA PRO A 167 -21.06 5.88 -2.82
C PRO A 167 -19.82 5.19 -2.30
N LEU A 168 -19.45 5.51 -1.07
CA LEU A 168 -18.17 5.08 -0.50
C LEU A 168 -18.37 4.42 0.86
N ARG A 169 -17.58 3.38 1.11
CA ARG A 169 -17.51 2.72 2.41
C ARG A 169 -16.11 2.18 2.59
N CYS A 170 -15.65 2.16 3.84
CA CYS A 170 -14.31 1.70 4.20
C CYS A 170 -14.40 0.72 5.34
N TRP A 171 -13.34 -0.05 5.50
CA TRP A 171 -13.24 -1.09 6.51
C TRP A 171 -11.89 -0.96 7.21
N SER A 172 -11.89 -1.12 8.52
CA SER A 172 -10.66 -0.91 9.28
C SER A 172 -10.84 -1.57 10.65
N ARG A 173 -9.84 -1.44 11.51
CA ARG A 173 -9.99 -1.92 12.89
C ARG A 173 -10.76 -0.93 13.74
N THR A 174 -10.54 0.37 13.55
CA THR A 174 -11.21 1.39 14.34
C THR A 174 -12.14 2.21 13.46
N ARG A 175 -13.21 2.70 14.08
CA ARG A 175 -14.20 3.52 13.38
C ARG A 175 -13.56 4.78 12.81
N LYS A 176 -13.99 5.17 11.61
CA LYS A 176 -13.57 6.41 11.00
C LYS A 176 -14.73 7.41 10.99
N SER A 177 -14.39 8.70 10.87
CA SER A 177 -15.38 9.77 10.95
C SER A 177 -15.56 10.53 9.64
N TRP A 178 -15.18 9.95 8.51
CA TRP A 178 -15.24 10.65 7.22
C TRP A 178 -16.68 10.89 6.80
N PRO A 179 -17.15 12.15 6.77
CA PRO A 179 -18.50 12.40 6.24
C PRO A 179 -18.64 11.83 4.83
N GLY A 180 -19.80 11.22 4.57
CA GLY A 180 -20.06 10.61 3.29
C GLY A 180 -19.48 9.23 3.06
N VAL A 181 -18.56 8.76 3.91
CA VAL A 181 -18.01 7.41 3.80
C VAL A 181 -18.54 6.58 4.96
N GLN A 182 -19.28 5.52 4.65
CA GLN A 182 -19.81 4.65 5.70
C GLN A 182 -18.70 3.75 6.24
N SER A 183 -18.40 3.87 7.53
CA SER A 183 -17.25 3.21 8.13
C SER A 183 -17.63 1.87 8.77
N PHE A 184 -16.92 0.81 8.40
CA PHE A 184 -17.09 -0.51 9.00
C PHE A 184 -15.82 -0.89 9.74
N ALA A 185 -15.98 -1.57 10.88
CA ALA A 185 -14.83 -1.89 11.72
C ALA A 185 -14.93 -3.29 12.30
N GLY A 186 -13.88 -4.09 12.13
CA GLY A 186 -13.75 -5.39 12.77
C GLY A 186 -14.21 -6.55 11.89
N ARG A 187 -13.71 -7.75 12.23
CA ARG A 187 -14.10 -8.96 11.51
C ARG A 187 -15.61 -9.13 11.53
N GLU A 188 -16.24 -8.75 12.64
CA GLU A 188 -17.67 -8.96 12.80
C GLU A 188 -18.50 -8.12 11.84
N GLU A 189 -17.96 -6.99 11.34
CA GLU A 189 -18.68 -6.16 10.38
C GLU A 189 -18.18 -6.34 8.95
N LEU A 190 -17.27 -7.29 8.72
CA LEU A 190 -16.67 -7.44 7.39
C LEU A 190 -17.69 -7.96 6.37
N SER A 191 -18.58 -8.86 6.78
CA SER A 191 -19.58 -9.33 5.84
C SER A 191 -20.48 -8.20 5.37
N ALA A 192 -21.03 -7.42 6.30
CA ALA A 192 -21.91 -6.32 5.93
C ALA A 192 -21.20 -5.36 4.98
N PHE A 193 -19.96 -4.97 5.30
CA PHE A 193 -19.18 -4.13 4.41
C PHE A 193 -19.12 -4.72 2.99
N LEU A 194 -18.78 -6.01 2.87
CA LEU A 194 -18.52 -6.61 1.56
C LEU A 194 -19.76 -6.62 0.68
N SER A 195 -20.93 -6.76 1.29
CA SER A 195 -22.16 -7.05 0.54
C SER A 195 -22.50 -6.01 -0.52
N GLN A 196 -22.05 -4.77 -0.39
CA GLN A 196 -22.40 -3.74 -1.36
C GLN A 196 -21.24 -3.27 -2.21
N CYS A 197 -20.04 -3.84 -2.04
CA CYS A 197 -18.86 -3.32 -2.75
C CYS A 197 -18.86 -3.74 -4.21
N ARG A 198 -19.36 -2.87 -5.11
CA ARG A 198 -19.24 -3.16 -6.53
C ARG A 198 -17.78 -3.17 -6.95
N VAL A 199 -16.97 -2.28 -6.37
CA VAL A 199 -15.53 -2.24 -6.55
C VAL A 199 -14.91 -2.38 -5.16
N LEU A 200 -13.96 -3.30 -5.04
CA LEU A 200 -13.26 -3.55 -3.79
C LEU A 200 -11.80 -3.16 -4.00
N ILE A 201 -11.33 -2.18 -3.25
CA ILE A 201 -9.97 -1.67 -3.36
C ILE A 201 -9.22 -2.06 -2.10
N ASN A 202 -8.09 -2.74 -2.26
CA ASN A 202 -7.34 -3.25 -1.12
C ASN A 202 -6.16 -2.34 -0.83
N LEU A 203 -6.19 -1.69 0.34
CA LEU A 203 -5.07 -0.90 0.83
C LEU A 203 -4.74 -1.29 2.26
N LEU A 204 -4.85 -2.59 2.58
CA LEU A 204 -4.44 -3.16 3.86
C LEU A 204 -2.92 -3.32 3.93
N PRO A 205 -2.36 -3.27 5.14
CA PRO A 205 -0.97 -3.72 5.32
C PRO A 205 -0.92 -5.23 5.45
N ASN A 206 0.25 -5.78 5.15
CA ASN A 206 0.49 -7.21 5.33
C ASN A 206 0.77 -7.49 6.81
N THR A 207 -0.18 -8.12 7.48
CA THR A 207 -0.06 -8.61 8.85
C THR A 207 -0.61 -10.03 8.94
N PRO A 208 -0.24 -10.76 10.00
CA PRO A 208 -0.81 -12.12 10.16
C PRO A 208 -2.33 -12.14 10.20
N GLU A 209 -2.96 -11.08 10.69
CA GLU A 209 -4.42 -11.01 10.73
C GLU A 209 -5.05 -10.75 9.36
N THR A 210 -4.27 -10.36 8.34
CA THR A 210 -4.83 -10.04 7.02
C THR A 210 -4.34 -10.94 5.89
N VAL A 211 -3.26 -11.70 6.07
CA VAL A 211 -2.78 -12.66 5.08
C VAL A 211 -3.93 -13.53 4.60
N GLY A 212 -4.12 -13.59 3.28
CA GLY A 212 -5.13 -14.46 2.72
C GLY A 212 -6.57 -14.01 2.88
N ILE A 213 -6.81 -12.75 3.25
CA ILE A 213 -8.16 -12.35 3.59
C ILE A 213 -9.08 -12.34 2.36
N ILE A 214 -8.54 -12.06 1.18
CA ILE A 214 -9.34 -12.06 -0.05
C ILE A 214 -9.29 -13.50 -0.56
N ASN A 215 -10.29 -14.29 -0.18
CA ASN A 215 -10.34 -15.71 -0.51
C ASN A 215 -11.76 -16.06 -0.94
N GLN A 216 -12.04 -17.34 -1.16
CA GLN A 216 -13.35 -17.73 -1.67
C GLN A 216 -14.46 -17.21 -0.77
N GLN A 217 -14.28 -17.28 0.55
CA GLN A 217 -15.32 -16.83 1.48
C GLN A 217 -15.57 -15.34 1.32
N LEU A 218 -14.50 -14.55 1.27
CA LEU A 218 -14.67 -13.11 1.05
C LEU A 218 -15.31 -12.81 -0.31
N LEU A 219 -14.80 -13.45 -1.38
CA LEU A 219 -15.26 -13.11 -2.72
C LEU A 219 -16.72 -13.46 -2.94
N GLU A 220 -17.24 -14.49 -2.27
CA GLU A 220 -18.64 -14.85 -2.44
C GLU A 220 -19.58 -13.85 -1.79
N LYS A 221 -19.11 -13.11 -0.78
CA LYS A 221 -19.93 -12.08 -0.16
C LYS A 221 -20.11 -10.86 -1.07
N LEU A 222 -19.28 -10.72 -2.10
CA LEU A 222 -19.37 -9.55 -2.96
C LEU A 222 -20.64 -9.62 -3.81
N PRO A 223 -21.13 -8.47 -4.26
CA PRO A 223 -22.14 -8.48 -5.33
C PRO A 223 -21.58 -9.10 -6.58
N ASP A 224 -22.47 -9.61 -7.44
CA ASP A 224 -22.02 -10.21 -8.69
C ASP A 224 -21.51 -9.14 -9.64
N GLY A 225 -20.53 -9.53 -10.46
CA GLY A 225 -19.89 -8.58 -11.34
C GLY A 225 -19.09 -7.53 -10.62
N ALA A 226 -18.50 -7.86 -9.47
CA ALA A 226 -17.64 -6.96 -8.72
C ALA A 226 -16.27 -6.81 -9.42
N TYR A 227 -15.54 -5.79 -9.01
CA TYR A 227 -14.18 -5.56 -9.49
C TYR A 227 -13.23 -5.52 -8.29
N LEU A 228 -12.09 -6.16 -8.45
CA LEU A 228 -11.04 -6.18 -7.44
C LEU A 228 -9.87 -5.34 -7.92
N LEU A 229 -9.45 -4.41 -7.10
CA LEU A 229 -8.27 -3.60 -7.37
C LEU A 229 -7.34 -3.80 -6.19
N ASN A 230 -6.33 -4.65 -6.35
CA ASN A 230 -5.40 -4.96 -5.27
C ASN A 230 -4.14 -4.12 -5.40
N LEU A 231 -4.01 -3.12 -4.52
CA LEU A 231 -2.88 -2.20 -4.51
C LEU A 231 -1.94 -2.37 -3.32
N ALA A 232 -2.13 -3.41 -2.49
CA ALA A 232 -1.50 -3.48 -1.19
C ALA A 232 -0.40 -4.52 -1.19
N ARG A 233 -0.69 -5.78 -0.86
CA ARG A 233 0.31 -6.84 -0.89
C ARG A 233 -0.30 -8.08 -1.54
N GLY A 234 0.54 -8.84 -2.24
CA GLY A 234 0.09 -10.05 -2.89
C GLY A 234 -0.44 -11.10 -1.92
N VAL A 235 0.13 -11.19 -0.72
CA VAL A 235 -0.31 -12.22 0.22
C VAL A 235 -1.75 -12.02 0.65
N HIS A 236 -2.36 -10.86 0.37
CA HIS A 236 -3.75 -10.66 0.75
C HIS A 236 -4.69 -11.51 -0.09
N VAL A 237 -4.27 -11.92 -1.29
CA VAL A 237 -5.14 -12.57 -2.26
C VAL A 237 -4.74 -14.03 -2.38
N VAL A 238 -5.73 -14.92 -2.33
CA VAL A 238 -5.55 -16.31 -2.69
C VAL A 238 -5.81 -16.39 -4.19
N GLU A 239 -4.73 -16.48 -4.97
CA GLU A 239 -4.86 -16.34 -6.41
C GLU A 239 -5.77 -17.40 -7.04
N ASP A 240 -5.77 -18.63 -6.52
CA ASP A 240 -6.68 -19.64 -7.05
C ASP A 240 -8.15 -19.26 -6.81
N ASP A 241 -8.48 -18.77 -5.61
CA ASP A 241 -9.84 -18.36 -5.34
C ASP A 241 -10.27 -17.22 -6.27
N LEU A 242 -9.37 -16.25 -6.47
CA LEU A 242 -9.65 -15.17 -7.41
C LEU A 242 -9.93 -15.70 -8.80
N LEU A 243 -9.08 -16.62 -9.29
CA LEU A 243 -9.30 -17.21 -10.61
C LEU A 243 -10.65 -17.88 -10.72
N ALA A 244 -11.07 -18.59 -9.66
CA ALA A 244 -12.39 -19.22 -9.69
C ALA A 244 -13.51 -18.18 -9.76
N ALA A 245 -13.40 -17.09 -8.98
CA ALA A 245 -14.43 -16.05 -9.01
C ALA A 245 -14.46 -15.33 -10.35
N LEU A 246 -13.28 -15.11 -10.97
CA LEU A 246 -13.26 -14.55 -12.32
C LEU A 246 -14.00 -15.45 -13.30
N ASP A 247 -13.74 -16.76 -13.23
CA ASP A 247 -14.31 -17.70 -14.19
C ASP A 247 -15.82 -17.90 -14.01
N SER A 248 -16.34 -17.74 -12.78
CA SER A 248 -17.77 -17.91 -12.58
C SER A 248 -18.57 -16.65 -12.87
N GLY A 249 -17.92 -15.53 -13.18
CA GLY A 249 -18.60 -14.25 -13.33
C GLY A 249 -18.85 -13.51 -12.05
N LYS A 250 -18.54 -14.09 -10.90
CA LYS A 250 -18.62 -13.37 -9.63
C LYS A 250 -17.87 -12.05 -9.71
N VAL A 251 -16.64 -12.09 -10.21
CA VAL A 251 -15.80 -10.92 -10.41
C VAL A 251 -15.73 -10.66 -11.91
N LYS A 252 -16.25 -9.51 -12.33
CA LYS A 252 -16.12 -9.12 -13.73
C LYS A 252 -14.67 -8.83 -14.11
N GLY A 253 -13.87 -8.31 -13.18
CA GLY A 253 -12.53 -7.87 -13.53
C GLY A 253 -11.66 -7.57 -12.33
N ALA A 254 -10.36 -7.75 -12.49
CA ALA A 254 -9.39 -7.51 -11.42
C ALA A 254 -8.17 -6.83 -12.02
N MET A 255 -7.73 -5.78 -11.37
CA MET A 255 -6.47 -5.15 -11.71
C MET A 255 -5.55 -5.31 -10.52
N LEU A 256 -4.38 -5.88 -10.75
CA LEU A 256 -3.50 -6.37 -9.71
C LEU A 256 -2.12 -5.75 -9.89
N ASP A 257 -1.63 -5.11 -8.83
CA ASP A 257 -0.30 -4.54 -8.84
C ASP A 257 0.69 -5.33 -8.02
N VAL A 258 0.24 -6.31 -7.26
CA VAL A 258 1.08 -7.06 -6.32
C VAL A 258 0.61 -8.53 -6.31
N PHE A 259 1.54 -9.43 -6.03
CA PHE A 259 1.29 -10.87 -6.18
C PHE A 259 2.06 -11.65 -5.13
N ASN A 260 1.65 -12.90 -4.93
CA ASN A 260 2.30 -13.72 -3.91
C ASN A 260 3.76 -13.93 -4.22
N ARG A 261 4.12 -14.10 -5.49
CA ARG A 261 5.52 -14.08 -5.87
C ARG A 261 5.73 -13.01 -6.94
N GLU A 262 6.81 -12.25 -6.80
CA GLU A 262 7.12 -11.12 -7.67
C GLU A 262 8.57 -11.22 -8.11
N PRO A 263 8.87 -11.12 -9.42
CA PRO A 263 7.93 -10.96 -10.54
C PRO A 263 6.92 -12.13 -10.65
N LEU A 264 5.67 -11.81 -10.95
CA LEU A 264 4.66 -12.86 -11.11
C LEU A 264 5.19 -13.91 -12.08
N PRO A 265 5.27 -15.18 -11.67
CA PRO A 265 5.81 -16.22 -12.55
C PRO A 265 5.01 -16.33 -13.84
N PRO A 266 5.68 -16.60 -14.96
CA PRO A 266 4.97 -16.63 -16.26
C PRO A 266 3.98 -17.76 -16.40
N GLU A 267 4.08 -18.81 -15.58
CA GLU A 267 3.10 -19.89 -15.60
C GLU A 267 1.77 -19.49 -14.99
N SER A 268 1.71 -18.36 -14.27
CA SER A 268 0.48 -17.96 -13.61
C SER A 268 -0.62 -17.71 -14.63
N PRO A 269 -1.82 -18.25 -14.41
CA PRO A 269 -2.94 -17.95 -15.31
C PRO A 269 -3.37 -16.48 -15.29
N LEU A 270 -2.94 -15.69 -14.29
CA LEU A 270 -3.33 -14.28 -14.25
C LEU A 270 -2.87 -13.52 -15.48
N TRP A 271 -1.70 -13.85 -16.04
CA TRP A 271 -1.13 -13.07 -17.15
C TRP A 271 -2.07 -13.01 -18.35
N GLN A 272 -2.55 -14.17 -18.80
CA GLN A 272 -3.34 -14.26 -20.01
C GLN A 272 -4.83 -14.31 -19.76
N HIS A 273 -5.27 -14.13 -18.52
CA HIS A 273 -6.70 -14.15 -18.24
C HIS A 273 -7.37 -12.92 -18.85
N PRO A 274 -8.44 -13.10 -19.62
CA PRO A 274 -9.04 -11.96 -20.34
C PRO A 274 -9.50 -10.81 -19.43
N ARG A 275 -9.78 -11.09 -18.15
CA ARG A 275 -10.41 -10.11 -17.28
C ARG A 275 -9.46 -9.59 -16.20
N VAL A 276 -8.16 -9.79 -16.37
CA VAL A 276 -7.16 -9.44 -15.37
C VAL A 276 -6.19 -8.45 -16.01
N THR A 277 -5.86 -7.38 -15.27
CA THR A 277 -4.89 -6.39 -15.66
C THR A 277 -3.75 -6.41 -14.66
N ILE A 278 -2.52 -6.36 -15.16
CA ILE A 278 -1.34 -6.58 -14.33
C ILE A 278 -0.39 -5.40 -14.49
N THR A 279 0.03 -4.83 -13.36
CA THR A 279 1.14 -3.90 -13.35
C THR A 279 2.22 -4.43 -12.41
N PRO A 280 3.50 -4.24 -12.76
CA PRO A 280 4.61 -4.89 -12.05
C PRO A 280 5.00 -4.19 -10.76
N HIS A 281 4.07 -4.14 -9.81
CA HIS A 281 4.26 -3.51 -8.52
C HIS A 281 4.85 -2.10 -8.68
N VAL A 282 4.01 -1.21 -9.21
CA VAL A 282 4.41 0.18 -9.50
C VAL A 282 3.31 1.15 -9.09
N ALA A 283 2.36 0.70 -8.26
CA ALA A 283 1.22 1.54 -7.95
C ALA A 283 1.66 2.87 -7.35
N ALA A 284 2.55 2.82 -6.35
CA ALA A 284 2.96 4.04 -5.66
C ALA A 284 4.37 3.86 -5.11
N ILE A 285 5.32 4.63 -5.62
CA ILE A 285 6.68 4.63 -5.09
C ILE A 285 6.93 6.01 -4.50
N THR A 286 7.78 6.08 -3.48
CA THR A 286 7.95 7.36 -2.81
C THR A 286 8.74 8.32 -3.68
N ARG A 287 8.41 9.61 -3.56
CA ARG A 287 9.09 10.63 -4.35
C ARG A 287 10.26 11.15 -3.52
N PRO A 288 11.50 10.90 -3.92
CA PRO A 288 12.63 11.20 -3.01
C PRO A 288 12.62 12.60 -2.43
N ALA A 289 12.24 13.63 -3.19
CA ALA A 289 12.24 14.97 -2.61
C ALA A 289 11.18 15.11 -1.52
N GLU A 290 10.02 14.49 -1.72
CA GLU A 290 8.99 14.55 -0.68
C GLU A 290 9.38 13.73 0.55
N ALA A 291 10.06 12.58 0.35
CA ALA A 291 10.53 11.79 1.49
C ALA A 291 11.58 12.55 2.28
N VAL A 292 12.53 13.20 1.60
CA VAL A 292 13.57 13.96 2.30
C VAL A 292 12.95 15.08 3.11
N GLU A 293 11.92 15.72 2.57
CA GLU A 293 11.23 16.75 3.31
C GLU A 293 10.55 16.16 4.54
N TYR A 294 9.89 15.02 4.38
CA TYR A 294 9.18 14.38 5.49
C TYR A 294 10.14 13.91 6.57
N ILE A 295 11.30 13.36 6.19
CA ILE A 295 12.23 12.84 7.19
C ILE A 295 12.85 13.99 7.99
N SER A 296 13.34 15.01 7.29
CA SER A 296 13.97 16.14 7.99
C SER A 296 12.96 16.90 8.85
N ARG A 297 11.72 17.01 8.38
CA ARG A 297 10.69 17.62 9.21
C ARG A 297 10.41 16.79 10.45
N THR A 298 10.39 15.45 10.31
CA THR A 298 10.14 14.56 11.44
C THR A 298 11.28 14.59 12.45
N ILE A 299 12.53 14.51 11.98
CA ILE A 299 13.65 14.69 12.88
C ILE A 299 13.54 16.02 13.62
N ALA A 300 13.15 17.09 12.92
CA ALA A 300 13.04 18.41 13.55
C ALA A 300 11.98 18.41 14.63
N GLN A 301 10.82 17.82 14.35
CA GLN A 301 9.78 17.70 15.36
C GLN A 301 10.25 16.85 16.54
N LEU A 302 10.94 15.73 16.27
CA LEU A 302 11.50 14.94 17.37
C LEU A 302 12.43 15.77 18.23
N GLU A 303 13.29 16.57 17.61
CA GLU A 303 14.21 17.38 18.41
C GLU A 303 13.47 18.43 19.25
N LYS A 304 12.33 18.91 18.76
CA LYS A 304 11.58 19.96 19.45
C LYS A 304 10.60 19.41 20.49
N GLY A 305 10.47 18.09 20.62
CA GLY A 305 9.52 17.54 21.54
C GLY A 305 8.08 17.57 21.07
N GLU A 306 7.82 18.01 19.84
CA GLU A 306 6.48 17.97 19.29
C GLU A 306 6.08 16.52 18.99
N LYS A 307 4.80 16.33 18.66
CA LYS A 307 4.28 14.99 18.37
C LYS A 307 4.39 14.69 16.89
N VAL A 308 4.62 13.41 16.57
CA VAL A 308 4.92 13.02 15.19
C VAL A 308 3.92 11.98 14.64
N CYS A 309 3.79 10.84 15.33
CA CYS A 309 2.65 9.95 15.11
C CYS A 309 2.78 8.98 13.92
N GLY A 310 3.57 9.32 12.90
CA GLY A 310 3.77 8.41 11.76
C GLY A 310 4.50 7.11 12.10
N GLN A 311 4.30 6.62 13.32
CA GLN A 311 5.20 5.69 13.97
C GLN A 311 4.59 4.29 13.99
N VAL A 312 5.44 3.30 13.78
CA VAL A 312 5.00 1.93 13.57
C VAL A 312 4.85 1.25 14.91
N ASP A 313 3.72 0.56 15.10
CA ASP A 313 3.45 -0.18 16.33
C ASP A 313 3.90 -1.61 16.09
N ARG A 314 5.05 -1.99 16.67
CA ARG A 314 5.62 -3.31 16.42
C ARG A 314 4.81 -4.44 17.03
N ALA A 315 4.02 -4.19 18.08
CA ALA A 315 3.12 -5.22 18.59
C ALA A 315 1.92 -5.42 17.66
N ARG A 316 1.39 -4.32 17.13
CA ARG A 316 0.23 -4.34 16.26
C ARG A 316 0.56 -4.89 14.88
N GLY A 317 1.80 -4.70 14.41
CA GLY A 317 2.23 -5.23 13.14
C GLY A 317 2.25 -4.27 11.96
N TYR A 318 1.94 -3.00 12.17
CA TYR A 318 1.96 -2.00 11.11
C TYR A 318 1.97 -0.59 11.69
C1 GOL B . -7.47 14.66 -6.96
O1 GOL B . -8.16 13.67 -6.22
C2 GOL B . -6.15 15.04 -6.31
O2 GOL B . -5.75 14.02 -5.41
C3 GOL B . -5.08 15.17 -7.38
O3 GOL B . -3.80 15.39 -6.85
H11 GOL B . -7.29 14.29 -7.97
H12 GOL B . -8.10 15.55 -7.04
HO1 GOL B . -9.04 13.50 -6.63
H2 GOL B . -6.25 15.98 -5.78
HO2 GOL B . -5.64 13.18 -5.91
H31 GOL B . -5.35 16.01 -8.04
H32 GOL B . -5.07 14.27 -7.99
HO3 GOL B . -3.39 14.53 -6.62
PA NAP C . -1.84 2.71 7.13
O1A NAP C . -2.04 4.21 7.16
O2A NAP C . -1.08 2.03 8.22
O5B NAP C . -3.31 2.09 6.97
C5B NAP C . -3.55 0.69 7.09
C4B NAP C . -5.05 0.44 7.31
O4B NAP C . -5.33 -0.96 7.38
C3B NAP C . -5.57 1.06 8.61
O3B NAP C . -6.77 1.78 8.36
C2B NAP C . -5.88 -0.09 9.54
O2B NAP C . -6.98 0.19 10.42
C1B NAP C . -6.18 -1.19 8.52
N9A NAP C . -5.95 -2.50 9.13
C8A NAP C . -4.79 -3.03 9.57
N7A NAP C . -5.00 -4.27 10.07
C5A NAP C . -6.32 -4.53 9.99
C6A NAP C . -7.23 -5.63 10.37
N6A NAP C . -6.78 -6.75 10.94
N1A NAP C . -8.54 -5.48 10.10
C2A NAP C . -9.05 -4.37 9.53
N3A NAP C . -8.28 -3.33 9.16
C4A NAP C . -6.95 -3.35 9.38
O3 NAP C . -1.07 2.24 5.78
PN NAP C . -0.96 3.08 4.40
O1N NAP C . -2.35 3.44 3.92
O2N NAP C . 0.11 4.13 4.50
O5D NAP C . -0.40 1.90 3.49
C5D NAP C . -1.32 0.87 3.15
C4D NAP C . -0.56 -0.27 2.48
O4D NAP C . -0.40 -0.02 1.09
C3D NAP C . 0.85 -0.50 2.99
O3D NAP C . 0.88 -1.28 4.19
C2D NAP C . 1.50 -1.23 1.83
O2D NAP C . 1.42 -2.63 2.04
C1D NAP C . 0.66 -0.85 0.61
N1N NAP C . 1.41 -0.11 -0.39
C2N NAP C . 1.54 -0.59 -1.64
C3N NAP C . 2.25 0.13 -2.60
C7N NAP C . 2.41 -0.39 -4.01
O7N NAP C . 1.66 -1.28 -4.40
N7N NAP C . 3.33 0.09 -4.85
C4N NAP C . 2.80 1.34 -2.22
C5N NAP C . 2.66 1.81 -0.93
C6N NAP C . 1.93 1.06 -0.03
P2B NAP C . -6.89 1.34 11.56
O1X NAP C . -5.52 1.17 12.18
O2X NAP C . -7.07 2.67 10.85
O3X NAP C . -8.02 0.98 12.50
H51A NAP C . -3.23 0.18 6.18
H52A NAP C . -2.99 0.28 7.94
H4B NAP C . -5.60 0.89 6.47
H3B NAP C . -4.79 1.71 9.06
HO3A NAP C . -6.58 2.53 7.77
H2B NAP C . -4.98 -0.36 10.11
H1B NAP C . -7.23 -1.09 8.21
H8A NAP C . -3.82 -2.55 9.48
H61A NAP C . -5.80 -6.86 11.14
H62A NAP C . -7.42 -7.49 11.19
H2A NAP C . -10.11 -4.31 9.35
H51N NAP C . -2.07 1.26 2.47
H52N NAP C . -1.81 0.50 4.06
H4D NAP C . -1.14 -1.20 2.63
H3D NAP C . 1.35 0.47 3.13
HO3N NAP C . 1.80 -1.40 4.48
H2D NAP C . 2.53 -0.89 1.69
HO2N NAP C . 1.89 -2.86 2.84
H1D NAP C . 0.24 -1.77 0.17
H2N NAP C . 1.09 -1.54 -1.90
H71N NAP C . 3.40 -0.28 -5.79
H72N NAP C . 3.96 0.84 -4.54
H4N NAP C . 3.37 1.93 -2.95
H5N NAP C . 3.08 2.76 -0.63
H6N NAP C . 1.81 1.42 1.00
C1 GLV D . 6.32 -0.33 -1.55
O1 GLV D . 5.65 -1.34 -1.73
C2 GLV D . 6.16 0.41 -0.29
O2 GLV D . 6.72 1.53 -0.16
O3 GLV D . 5.46 -0.08 0.62
H1 GLV D . 6.95 0.08 -2.32
NA NA E . -25.14 8.54 -12.50
NA NA F . 23.80 2.10 0.22
NA NA G . 9.79 -2.97 4.76
#